data_5D8H
#
_entry.id   5D8H
#
_cell.length_a   125.070
_cell.length_b   127.160
_cell.length_c   132.930
_cell.angle_alpha   90.00
_cell.angle_beta   90.00
_cell.angle_gamma   90.00
#
_symmetry.space_group_name_H-M   'I 2 2 2'
#
loop_
_entity.id
_entity.type
_entity.pdbx_description
1 polymer '23S ribosomal RNA'
2 polymer '50S ribosomal protein L10'
3 polymer '50S ribosomal protein L11'
4 polymer THIOSTREPTON
5 non-polymer 'MAGNESIUM ION'
6 non-polymer 'SODIUM ION'
7 non-polymer 2-AMINO-2-HYDROXYMETHYL-PROPANE-1,3-DIOL
8 water water
#
loop_
_entity_poly.entity_id
_entity_poly.type
_entity_poly.pdbx_seq_one_letter_code
_entity_poly.pdbx_strand_id
1 'polyribonucleotide' GCCUAAGACAGCGGGGAGGUUGGCUUAGAAGCAGCCAUCCUUUAAAGAGUGCGUAACAGCUCACCCGUCGAGGC A
2 'polypeptide(L)'
;(MSE)APWKIEEVKTLKGLIKSKPVVAIVD(MSE)(MSE)DVPAPQLQEIRDKIRDKVKLR(MSE)SRNTLIIRALKEAA
EELNNPKLAELANYVERGAAILVTD(MSE)NPFKLYKLLEENKSPAPVRGGQIAPCDIKVEKGSTG(MSE)PPGPFLGEL
KSVGIPAAIEKGKIAIKEDKVVVKKGEVVSPKLAAVLDRLGIKPIKVGLNILAVYEDGIIYTPDVLKVDEEKLLADI
;
B
3 'polypeptide(L)'
;(MSE)AKEVVEVLVTGGRATAGPPLGPAIGPLGVNV(MSE)QVVKEINEKTKDYEG(MSE)QVPVKVIVDTETRKFEIEV
GIPPTTALIKKELGIETAAHEPRHEVVGNLTLEQVIKIAK(MSE)KKDA(MSE)LSYTLKNAVKEVLGTCGS(MSE)GVT
VEGKDPKEVQKEIDAGVYDEYFKEE
;
C
4 'polypeptide(L)' (QUA)IA(DHA)AS(BB9)T(DBU)(DCY)(TS9)(BB9)T(BB9)(MH6)(BB9)(DHA)(DHA)(NH2) D
#
# COMPACT_ATOMS: atom_id res chain seq x y z
N ALA B 2 14.46 14.15 27.98
CA ALA B 2 15.30 13.26 27.22
C ALA B 2 15.73 14.03 25.99
N PRO B 3 17.05 14.11 25.75
CA PRO B 3 17.62 14.94 24.68
C PRO B 3 16.86 14.76 23.36
N TRP B 4 16.48 13.53 22.97
CA TRP B 4 15.78 13.34 21.70
C TRP B 4 14.48 14.14 21.67
N LYS B 5 13.89 14.33 22.84
CA LYS B 5 12.60 15.01 22.87
C LYS B 5 12.75 16.49 22.61
N ILE B 6 13.82 17.11 23.14
CA ILE B 6 14.06 18.52 22.87
C ILE B 6 14.29 18.71 21.37
N GLU B 7 15.13 17.91 20.75
CA GLU B 7 15.32 18.10 19.32
C GLU B 7 14.03 17.81 18.56
N GLU B 8 13.20 16.90 19.10
CA GLU B 8 11.93 16.57 18.47
C GLU B 8 11.00 17.77 18.42
N VAL B 9 10.78 18.37 19.59
CA VAL B 9 10.03 19.62 19.68
C VAL B 9 10.64 20.71 18.78
N LYS B 10 11.98 20.76 18.73
CA LYS B 10 12.64 21.70 17.86
C LYS B 10 12.24 21.47 16.41
N THR B 11 12.43 20.23 15.93
CA THR B 11 11.99 19.91 14.57
C THR B 11 10.52 20.25 14.27
N LEU B 12 9.62 19.99 15.22
CA LEU B 12 8.21 20.30 15.00
C LEU B 12 8.00 21.78 14.84
N LYS B 13 8.56 22.55 15.79
CA LYS B 13 8.50 24.01 15.78
C LYS B 13 8.96 24.59 14.46
N GLY B 14 10.04 24.02 13.92
CA GLY B 14 10.51 24.44 12.63
C GLY B 14 9.40 24.36 11.60
N LEU B 15 8.81 23.16 11.45
CA LEU B 15 7.68 22.98 10.55
C LEU B 15 6.58 24.01 10.76
N ILE B 16 6.19 24.22 12.02
CA ILE B 16 5.04 25.07 12.29
C ILE B 16 5.30 26.48 11.80
N LYS B 17 6.50 26.97 12.12
CA LYS B 17 6.92 28.33 11.79
C LYS B 17 7.13 28.47 10.29
N SER B 18 7.38 27.36 9.61
CA SER B 18 7.85 27.40 8.23
C SER B 18 6.79 27.67 7.16
N LYS B 19 5.51 27.40 7.42
CA LYS B 19 4.47 27.63 6.40
C LYS B 19 3.20 28.32 6.93
N PRO B 20 2.42 28.94 6.03
CA PRO B 20 1.29 29.74 6.50
C PRO B 20 0.13 28.91 7.02
N VAL B 21 -0.03 27.68 6.55
CA VAL B 21 -1.13 26.90 7.06
C VAL B 21 -0.64 25.65 7.76
N VAL B 22 -1.10 25.52 8.99
CA VAL B 22 -0.74 24.41 9.87
C VAL B 22 -1.97 23.55 10.21
N ALA B 23 -1.90 22.24 9.93
CA ALA B 23 -3.03 21.35 10.17
C ALA B 23 -2.65 20.16 11.03
N ILE B 24 -3.54 19.80 11.95
CA ILE B 24 -3.43 18.54 12.70
C ILE B 24 -4.21 17.49 11.93
N VAL B 25 -3.60 16.37 11.59
CA VAL B 25 -4.37 15.32 10.96
C VAL B 25 -4.38 14.03 11.77
N ASP B 26 -5.47 13.30 11.71
CA ASP B 26 -5.47 12.02 12.40
C ASP B 26 -4.95 11.01 11.42
N ASP B 29 -5.26 4.26 12.03
CA ASP B 29 -6.00 3.20 11.31
C ASP B 29 -5.64 3.15 9.83
N VAL B 30 -4.81 4.08 9.36
CA VAL B 30 -4.32 4.01 8.00
C VAL B 30 -3.18 3.01 7.86
N PRO B 31 -3.43 1.89 7.17
CA PRO B 31 -2.36 0.89 6.98
C PRO B 31 -1.19 1.50 6.25
N ALA B 32 -0.01 0.97 6.50
CA ALA B 32 1.25 1.54 6.03
C ALA B 32 1.36 1.74 4.51
N PRO B 33 0.91 0.77 3.70
CA PRO B 33 1.09 0.92 2.26
C PRO B 33 0.31 2.07 1.68
N GLN B 34 -0.86 2.30 2.22
CA GLN B 34 -1.68 3.43 1.80
C GLN B 34 -0.97 4.71 2.21
N LEU B 35 -0.45 4.72 3.43
CA LEU B 35 0.23 5.88 3.98
C LEU B 35 1.49 6.21 3.17
N GLN B 36 2.22 5.16 2.78
CA GLN B 36 3.37 5.33 1.90
C GLN B 36 2.94 5.89 0.54
N GLU B 37 1.85 5.38 0.00
CA GLU B 37 1.31 5.86 -1.27
C GLU B 37 1.01 7.35 -1.14
N ILE B 38 0.35 7.75 -0.05
CA ILE B 38 -0.09 9.13 0.13
C ILE B 38 1.08 10.06 0.37
N ARG B 39 2.03 9.66 1.22
CA ARG B 39 3.22 10.47 1.46
C ARG B 39 3.91 10.76 0.15
N ASP B 40 3.77 9.82 -0.76
CA ASP B 40 4.49 9.88 -2.01
C ASP B 40 3.82 10.83 -2.99
N LYS B 41 2.51 10.76 -3.03
CA LYS B 41 1.72 11.57 -3.94
C LYS B 41 1.67 13.03 -3.55
N ILE B 42 1.61 13.35 -2.26
CA ILE B 42 1.56 14.76 -1.86
C ILE B 42 2.92 15.34 -1.43
N ARG B 43 3.98 14.56 -1.64
CA ARG B 43 5.32 14.84 -1.12
C ARG B 43 5.84 16.24 -1.38
N ASP B 44 5.61 16.75 -2.58
CA ASP B 44 6.11 18.08 -2.89
C ASP B 44 5.07 19.20 -2.62
N LYS B 45 3.82 18.83 -2.37
CA LYS B 45 2.81 19.81 -1.96
C LYS B 45 2.76 20.10 -0.45
N VAL B 46 3.26 19.19 0.38
CA VAL B 46 3.13 19.30 1.84
C VAL B 46 4.26 18.59 2.61
N LYS B 47 4.46 19.00 3.86
CA LYS B 47 5.30 18.22 4.76
C LYS B 47 4.41 17.63 5.86
N LEU B 48 4.69 16.38 6.23
CA LEU B 48 3.86 15.63 7.17
C LEU B 48 4.68 14.90 8.24
N ARG B 49 4.55 15.25 9.51
CA ARG B 49 5.36 14.53 10.48
C ARG B 49 4.53 14.08 11.66
N SER B 51 4.15 12.67 15.42
CA SER B 51 4.87 12.61 16.67
C SER B 51 3.93 12.37 17.82
N ARG B 52 4.49 12.23 19.03
CA ARG B 52 3.64 12.09 20.20
C ARG B 52 2.82 13.35 20.39
N ASN B 53 1.60 13.17 20.88
CA ASN B 53 0.67 14.27 21.02
C ASN B 53 1.16 15.32 22.02
N THR B 54 1.81 14.88 23.09
CA THR B 54 2.30 15.83 24.06
C THR B 54 3.36 16.77 23.42
N LEU B 55 4.22 16.23 22.55
CA LEU B 55 5.26 17.03 21.97
C LEU B 55 4.70 17.96 20.88
N ILE B 56 3.78 17.48 20.08
CA ILE B 56 3.12 18.36 19.11
C ILE B 56 2.47 19.56 19.82
N ILE B 57 2.07 19.37 21.07
CA ILE B 57 1.37 20.42 21.79
C ILE B 57 2.37 21.47 22.32
N ARG B 58 3.50 21.01 22.87
CA ARG B 58 4.55 21.96 23.25
C ARG B 58 4.97 22.72 22.03
N ALA B 59 5.30 21.98 20.99
CA ALA B 59 5.74 22.60 19.77
C ALA B 59 4.73 23.64 19.31
N LEU B 60 3.44 23.38 19.48
CA LEU B 60 2.50 24.41 19.08
C LEU B 60 2.55 25.58 20.06
N LYS B 61 2.59 25.29 21.36
CA LYS B 61 2.50 26.35 22.32
C LYS B 61 3.76 27.20 22.27
N GLU B 62 4.92 26.56 22.22
CA GLU B 62 6.18 27.29 22.09
C GLU B 62 6.18 28.07 20.80
N ALA B 63 5.96 27.43 19.66
CA ALA B 63 5.88 28.18 18.41
C ALA B 63 5.00 29.44 18.55
N ALA B 64 3.86 29.31 19.22
CA ALA B 64 2.92 30.42 19.43
C ALA B 64 3.54 31.63 20.16
N GLU B 65 4.38 31.37 21.17
CA GLU B 65 4.95 32.45 21.91
C GLU B 65 6.02 33.16 21.02
N GLU B 66 6.96 32.40 20.46
CA GLU B 66 7.95 32.96 19.53
C GLU B 66 7.32 33.84 18.44
N LEU B 67 6.18 33.43 17.92
CA LEU B 67 5.56 34.19 16.84
C LEU B 67 4.59 35.23 17.37
N ASN B 68 4.50 35.34 18.70
CA ASN B 68 3.43 36.10 19.33
C ASN B 68 2.07 35.85 18.60
N ASN B 69 1.60 34.60 18.61
CA ASN B 69 0.38 34.22 17.88
C ASN B 69 -0.53 33.36 18.71
N PRO B 70 -1.46 33.99 19.42
CA PRO B 70 -2.21 33.21 20.40
C PRO B 70 -3.11 32.11 19.77
N LYS B 71 -3.56 32.31 18.54
CA LYS B 71 -4.53 31.39 18.03
C LYS B 71 -3.91 30.15 17.39
N LEU B 72 -2.59 30.07 17.22
CA LEU B 72 -2.13 28.73 16.94
C LEU B 72 -1.66 28.01 18.22
N ALA B 73 -1.73 28.67 19.37
CA ALA B 73 -1.71 27.90 20.62
C ALA B 73 -3.04 27.15 20.74
N GLU B 74 -4.09 27.78 20.21
CA GLU B 74 -5.43 27.30 20.39
C GLU B 74 -5.58 26.05 19.53
N LEU B 75 -4.78 25.96 18.49
CA LEU B 75 -4.78 24.78 17.66
C LEU B 75 -4.38 23.54 18.46
N ALA B 76 -3.66 23.71 19.56
CA ALA B 76 -3.23 22.52 20.28
C ALA B 76 -4.43 21.79 20.87
N ASN B 77 -5.47 22.57 21.18
CA ASN B 77 -6.73 22.06 21.69
C ASN B 77 -7.29 20.91 20.87
N TYR B 78 -6.97 20.90 19.57
CA TYR B 78 -7.46 19.87 18.65
C TYR B 78 -6.55 18.65 18.47
N VAL B 79 -5.46 18.60 19.22
CA VAL B 79 -4.51 17.51 19.07
C VAL B 79 -5.04 16.40 19.92
N GLU B 80 -5.31 15.29 19.26
CA GLU B 80 -6.12 14.21 19.80
C GLU B 80 -5.81 12.96 18.95
N ARG B 81 -6.08 11.74 19.46
CA ARG B 81 -6.01 10.55 18.62
C ARG B 81 -4.62 10.26 18.04
N GLY B 82 -4.57 9.97 16.74
CA GLY B 82 -3.35 9.59 16.06
C GLY B 82 -2.54 10.75 15.50
N ALA B 83 -2.61 11.91 16.17
CA ALA B 83 -2.23 13.23 15.64
C ALA B 83 -0.85 13.35 15.02
N ALA B 84 -0.84 14.09 13.91
CA ALA B 84 0.36 14.45 13.16
C ALA B 84 0.25 15.87 12.62
N ILE B 85 1.41 16.52 12.55
CA ILE B 85 1.60 17.84 11.95
C ILE B 85 1.71 17.76 10.44
N LEU B 86 0.91 18.56 9.76
CA LEU B 86 1.02 18.77 8.31
C LEU B 86 0.98 20.25 7.96
N VAL B 87 2.00 20.74 7.25
CA VAL B 87 2.16 22.18 6.93
C VAL B 87 2.35 22.41 5.45
N THR B 88 1.70 23.44 4.92
CA THR B 88 1.69 23.62 3.47
C THR B 88 1.31 25.06 3.04
N ASP B 89 1.37 25.33 1.73
CA ASP B 89 0.92 26.60 1.20
C ASP B 89 -0.52 26.59 0.67
N ASN B 91 -4.42 26.65 0.53
CA ASN B 91 -5.49 27.12 1.41
C ASN B 91 -6.15 25.89 2.02
N PRO B 92 -6.72 26.03 3.22
CA PRO B 92 -7.24 24.85 3.91
C PRO B 92 -8.25 24.07 3.09
N PHE B 93 -9.19 24.76 2.46
CA PHE B 93 -10.27 24.07 1.75
C PHE B 93 -9.75 23.17 0.63
N LYS B 94 -8.68 23.61 -0.02
CA LYS B 94 -8.07 22.79 -1.07
C LYS B 94 -7.43 21.57 -0.44
N LEU B 95 -6.76 21.79 0.70
CA LEU B 95 -6.14 20.70 1.46
C LEU B 95 -7.16 19.62 1.81
N TYR B 96 -8.34 20.05 2.27
CA TYR B 96 -9.38 19.12 2.67
C TYR B 96 -9.80 18.23 1.50
N LYS B 97 -10.01 18.85 0.33
CA LYS B 97 -10.41 18.10 -0.83
C LYS B 97 -9.26 17.19 -1.28
N LEU B 98 -8.02 17.66 -1.12
CA LEU B 98 -6.88 16.84 -1.54
C LEU B 98 -6.83 15.57 -0.72
N LEU B 99 -7.09 15.69 0.57
CA LEU B 99 -7.04 14.53 1.44
C LEU B 99 -8.28 13.61 1.31
N GLU B 100 -9.45 14.20 1.09
CA GLU B 100 -10.67 13.41 0.88
C GLU B 100 -10.54 12.57 -0.35
N GLU B 101 -9.94 13.16 -1.39
CA GLU B 101 -9.72 12.45 -2.65
C GLU B 101 -8.91 11.20 -2.41
N ASN B 102 -7.97 11.31 -1.50
CA ASN B 102 -6.99 10.26 -1.33
C ASN B 102 -7.31 9.21 -0.29
N LYS B 103 -8.54 9.22 0.23
CA LYS B 103 -8.93 8.17 1.14
C LYS B 103 -9.23 6.88 0.36
N SER B 104 -9.49 5.83 1.12
CA SER B 104 -9.66 4.51 0.58
C SER B 104 -10.64 3.71 1.42
N PRO B 105 -11.43 2.85 0.77
CA PRO B 105 -12.36 1.94 1.43
C PRO B 105 -11.67 0.75 2.09
N ALA B 106 -12.15 0.39 3.28
CA ALA B 106 -11.54 -0.69 4.03
C ALA B 106 -12.61 -1.50 4.74
N PRO B 107 -12.29 -2.74 5.11
CA PRO B 107 -13.26 -3.54 5.86
C PRO B 107 -13.67 -2.85 7.13
N VAL B 108 -14.94 -2.95 7.50
CA VAL B 108 -15.35 -2.61 8.86
C VAL B 108 -15.16 -3.84 9.73
N ARG B 109 -14.65 -3.66 10.94
CA ARG B 109 -14.39 -4.74 11.90
C ARG B 109 -15.29 -4.52 13.15
N GLY B 110 -15.12 -5.30 14.24
CA GLY B 110 -16.04 -5.29 15.39
C GLY B 110 -16.09 -4.21 16.47
N GLY B 111 -17.24 -3.53 16.57
CA GLY B 111 -17.46 -2.48 17.57
C GLY B 111 -17.48 -1.05 17.03
N GLN B 112 -16.92 -0.79 15.88
CA GLN B 112 -17.25 0.52 15.42
C GLN B 112 -18.64 0.52 14.84
N ILE B 113 -19.02 1.61 14.19
CA ILE B 113 -20.20 1.61 13.29
C ILE B 113 -20.47 2.78 12.30
N ALA B 114 -21.61 2.59 11.64
CA ALA B 114 -21.96 2.96 10.30
C ALA B 114 -21.84 4.42 9.98
N PRO B 115 -20.89 4.74 9.08
CA PRO B 115 -20.61 6.01 8.41
C PRO B 115 -21.73 6.25 7.41
N CYS B 116 -22.29 5.12 6.98
CA CYS B 116 -23.31 5.06 5.96
C CYS B 116 -24.01 3.75 6.16
N ASP B 117 -24.78 3.36 5.16
CA ASP B 117 -25.17 1.99 5.05
C ASP B 117 -24.09 1.11 4.43
N ILE B 118 -24.02 -0.11 4.96
CA ILE B 118 -23.30 -1.22 4.38
C ILE B 118 -24.14 -1.65 3.20
N LYS B 119 -23.80 -2.75 2.52
CA LYS B 119 -24.77 -3.83 2.22
C LYS B 119 -24.35 -4.96 1.31
N VAL B 120 -25.10 -6.05 1.46
CA VAL B 120 -24.87 -7.27 0.70
C VAL B 120 -25.62 -7.23 -0.62
N GLU B 121 -24.92 -7.44 -1.72
CA GLU B 121 -25.58 -7.55 -3.02
C GLU B 121 -25.54 -9.03 -3.45
N LYS B 122 -26.56 -9.48 -4.18
CA LYS B 122 -26.85 -10.92 -4.26
C LYS B 122 -26.54 -11.57 -5.63
N GLY B 123 -26.76 -12.88 -5.70
CA GLY B 123 -26.23 -13.72 -6.72
C GLY B 123 -25.26 -14.56 -5.96
N SER B 124 -24.41 -15.21 -6.71
CA SER B 124 -23.42 -16.12 -6.20
C SER B 124 -22.29 -15.44 -5.40
N THR B 125 -21.89 -16.04 -4.28
CA THR B 125 -20.73 -15.55 -3.53
C THR B 125 -19.45 -16.34 -3.76
N GLY B 126 -19.52 -17.41 -4.55
CA GLY B 126 -18.34 -18.17 -4.92
C GLY B 126 -18.02 -19.44 -4.15
N PRO B 128 -18.16 -23.06 -1.85
CA PRO B 128 -18.87 -24.35 -1.82
C PRO B 128 -19.77 -24.44 -0.59
N PRO B 129 -20.55 -25.52 -0.47
CA PRO B 129 -21.31 -25.67 0.78
C PRO B 129 -20.39 -25.71 1.99
N GLY B 130 -20.94 -25.45 3.17
CA GLY B 130 -20.15 -25.51 4.37
C GLY B 130 -20.70 -24.68 5.51
N PRO B 131 -19.81 -24.31 6.43
CA PRO B 131 -20.11 -23.52 7.60
C PRO B 131 -20.51 -22.11 7.18
N PHE B 132 -20.15 -21.67 5.97
CA PHE B 132 -20.44 -20.30 5.61
C PHE B 132 -21.99 -20.20 5.60
N LEU B 133 -22.82 -20.99 4.93
CA LEU B 133 -24.29 -20.82 5.22
C LEU B 133 -24.71 -20.70 6.69
N GLY B 134 -24.18 -21.58 7.51
CA GLY B 134 -24.37 -21.56 8.96
C GLY B 134 -23.52 -20.45 9.53
N GLU B 135 -23.39 -19.42 8.69
CA GLU B 135 -22.84 -18.14 9.05
C GLU B 135 -23.71 -16.98 8.56
N LEU B 136 -24.76 -17.21 7.76
CA LEU B 136 -25.53 -16.03 7.34
C LEU B 136 -26.83 -16.28 8.08
N LYS B 137 -26.79 -17.37 8.85
CA LYS B 137 -27.76 -17.64 9.89
C LYS B 137 -28.05 -16.45 10.82
N SER B 138 -27.02 -16.05 11.59
CA SER B 138 -27.11 -15.20 12.78
C SER B 138 -27.48 -13.81 12.47
N VAL B 139 -26.99 -13.45 11.30
CA VAL B 139 -26.74 -12.10 10.90
C VAL B 139 -28.00 -11.55 10.28
N GLY B 140 -28.85 -12.51 9.93
CA GLY B 140 -30.03 -12.19 9.20
C GLY B 140 -29.65 -11.91 7.77
N ILE B 141 -28.59 -12.50 7.25
CA ILE B 141 -28.46 -12.57 5.79
C ILE B 141 -29.05 -13.91 5.28
N PRO B 142 -30.22 -13.82 4.64
CA PRO B 142 -30.91 -15.02 4.16
C PRO B 142 -30.13 -15.71 3.04
N ALA B 143 -29.92 -17.01 3.19
CA ALA B 143 -28.94 -17.76 2.41
C ALA B 143 -29.24 -19.22 2.15
N ALA B 144 -28.91 -19.68 0.94
CA ALA B 144 -29.08 -21.09 0.56
C ALA B 144 -28.16 -21.44 -0.61
N ILE B 145 -28.02 -22.74 -0.88
CA ILE B 145 -27.24 -23.20 -2.03
C ILE B 145 -28.03 -23.09 -3.34
N GLU B 146 -27.48 -22.34 -4.29
CA GLU B 146 -28.03 -22.24 -5.63
C GLU B 146 -26.93 -22.61 -6.60
N LYS B 147 -27.19 -23.58 -7.47
CA LYS B 147 -26.17 -24.07 -8.40
C LYS B 147 -24.92 -24.56 -7.67
N GLY B 148 -25.11 -25.31 -6.59
CA GLY B 148 -24.00 -25.90 -5.85
C GLY B 148 -23.05 -24.91 -5.18
N LYS B 149 -23.43 -23.65 -5.20
CA LYS B 149 -22.58 -22.57 -4.73
C LYS B 149 -23.35 -21.61 -3.82
N ILE B 150 -22.75 -21.23 -2.70
CA ILE B 150 -23.36 -20.36 -1.70
C ILE B 150 -23.91 -19.08 -2.32
N ALA B 151 -25.14 -18.73 -1.97
CA ALA B 151 -25.74 -17.49 -2.43
C ALA B 151 -26.68 -16.91 -1.39
N ILE B 152 -26.68 -15.59 -1.26
CA ILE B 152 -27.58 -14.90 -0.33
C ILE B 152 -28.97 -14.73 -1.00
N LYS B 153 -30.06 -14.62 -0.22
CA LYS B 153 -31.39 -14.40 -0.82
C LYS B 153 -31.64 -12.98 -1.31
N GLU B 154 -30.92 -11.97 -0.83
CA GLU B 154 -31.51 -10.62 -0.87
C GLU B 154 -30.54 -9.43 -1.12
N ASP B 155 -31.09 -8.28 -1.50
CA ASP B 155 -30.40 -7.03 -1.31
C ASP B 155 -31.19 -6.25 -0.24
N LYS B 156 -30.69 -6.33 1.00
CA LYS B 156 -31.42 -6.05 2.25
C LYS B 156 -31.04 -4.64 2.85
N VAL B 157 -31.36 -4.30 4.11
CA VAL B 157 -30.45 -3.48 4.94
C VAL B 157 -30.27 -4.16 6.31
N VAL B 158 -29.06 -4.67 6.54
CA VAL B 158 -28.58 -5.11 7.85
C VAL B 158 -28.32 -4.01 8.89
N VAL B 159 -27.99 -2.81 8.44
CA VAL B 159 -27.65 -1.69 9.35
C VAL B 159 -28.36 -0.41 8.92
N LYS B 160 -28.26 0.67 9.71
CA LYS B 160 -28.37 2.02 9.13
C LYS B 160 -27.60 3.04 9.98
N LYS B 161 -27.36 4.23 9.43
CA LYS B 161 -26.46 5.18 10.10
C LYS B 161 -26.85 5.36 11.56
N GLY B 162 -25.88 5.18 12.47
CA GLY B 162 -26.09 5.46 13.88
C GLY B 162 -26.16 4.35 14.93
N GLU B 163 -26.19 3.08 14.52
CA GLU B 163 -26.28 1.96 15.49
C GLU B 163 -25.40 0.77 15.15
N VAL B 164 -25.24 -0.16 16.08
CA VAL B 164 -24.04 -0.98 16.09
C VAL B 164 -23.93 -2.20 15.10
N VAL B 165 -22.78 -2.27 14.43
CA VAL B 165 -22.29 -3.44 13.66
C VAL B 165 -21.64 -4.45 14.58
N SER B 166 -22.22 -5.65 14.61
CA SER B 166 -21.76 -6.75 15.43
C SER B 166 -20.29 -7.07 15.15
N PRO B 167 -19.59 -7.68 16.12
CA PRO B 167 -18.22 -8.11 15.89
C PRO B 167 -18.10 -9.03 14.68
N LYS B 168 -18.98 -10.01 14.61
CA LYS B 168 -18.90 -10.98 13.52
C LYS B 168 -19.86 -10.70 12.37
N LEU B 169 -20.72 -9.70 12.49
CA LEU B 169 -21.42 -9.19 11.33
C LEU B 169 -20.38 -8.56 10.40
N ALA B 170 -19.28 -8.13 11.01
CA ALA B 170 -18.21 -7.44 10.28
C ALA B 170 -17.27 -8.39 9.54
N ALA B 171 -16.91 -9.49 10.19
CA ALA B 171 -16.00 -10.46 9.60
C ALA B 171 -16.71 -11.37 8.61
N VAL B 172 -18.03 -11.27 8.58
CA VAL B 172 -18.79 -11.81 7.47
C VAL B 172 -18.56 -10.92 6.27
N LEU B 173 -18.78 -9.62 6.45
CA LEU B 173 -18.64 -8.62 5.41
C LEU B 173 -17.23 -8.62 4.83
N ASP B 174 -16.27 -9.00 5.65
CA ASP B 174 -14.87 -9.05 5.23
C ASP B 174 -14.64 -10.22 4.29
N ARG B 175 -15.24 -11.37 4.60
CA ARG B 175 -15.08 -12.57 3.77
C ARG B 175 -15.89 -12.43 2.48
N LEU B 176 -16.93 -11.60 2.53
CA LEU B 176 -17.68 -11.27 1.34
C LEU B 176 -16.91 -10.28 0.48
N GLY B 177 -15.85 -9.71 1.06
CA GLY B 177 -15.04 -8.73 0.37
C GLY B 177 -15.76 -7.41 0.20
N ILE B 178 -16.29 -6.89 1.31
CA ILE B 178 -17.08 -5.66 1.28
C ILE B 178 -16.40 -4.55 2.08
N LYS B 179 -16.29 -3.38 1.47
CA LYS B 179 -15.51 -2.27 2.03
C LYS B 179 -16.35 -0.98 2.16
N PRO B 180 -17.16 -0.88 3.23
CA PRO B 180 -18.09 0.23 3.49
C PRO B 180 -17.51 1.58 3.96
N ILE B 181 -16.38 1.60 4.68
CA ILE B 181 -15.87 2.86 5.22
C ILE B 181 -14.55 3.29 4.57
N LYS B 182 -14.36 4.60 4.46
CA LYS B 182 -13.13 5.19 3.91
C LYS B 182 -12.08 5.49 4.98
N VAL B 183 -10.83 5.15 4.70
CA VAL B 183 -9.74 5.48 5.63
C VAL B 183 -8.64 6.32 4.96
N GLY B 184 -7.94 7.13 5.76
CA GLY B 184 -6.87 7.95 5.22
C GLY B 184 -6.47 9.06 6.16
N LEU B 185 -5.81 10.07 5.65
CA LEU B 185 -5.50 11.18 6.53
C LEU B 185 -6.74 12.01 6.76
N ASN B 186 -7.09 12.14 8.03
CA ASN B 186 -8.35 12.77 8.40
C ASN B 186 -8.04 14.04 9.19
N ILE B 187 -8.53 15.18 8.73
CA ILE B 187 -8.15 16.45 9.31
C ILE B 187 -8.85 16.77 10.62
N LEU B 188 -8.09 16.93 11.68
CA LEU B 188 -8.68 17.29 12.96
C LEU B 188 -9.01 18.76 12.98
N ALA B 189 -8.11 19.59 12.45
CA ALA B 189 -8.28 21.05 12.38
C ALA B 189 -7.11 21.71 11.64
N VAL B 190 -7.34 22.93 11.11
CA VAL B 190 -6.42 23.61 10.19
C VAL B 190 -6.28 25.09 10.54
N TYR B 191 -5.06 25.55 10.78
CA TYR B 191 -4.85 26.95 11.11
C TYR B 191 -4.39 27.69 9.88
N GLU B 192 -4.97 28.87 9.63
CA GLU B 192 -4.42 29.83 8.68
C GLU B 192 -4.87 31.24 9.00
N ASP B 193 -3.95 32.20 8.93
CA ASP B 193 -4.26 33.64 9.03
C ASP B 193 -5.21 33.95 10.20
N GLY B 194 -4.81 33.57 11.40
CA GLY B 194 -5.60 33.90 12.57
C GLY B 194 -6.95 33.20 12.71
N ILE B 195 -7.17 32.12 11.94
CA ILE B 195 -8.42 31.38 11.96
C ILE B 195 -8.19 29.88 12.17
N ILE B 196 -8.97 29.24 13.04
CA ILE B 196 -8.89 27.77 13.08
C ILE B 196 -10.12 27.14 12.43
N TYR B 197 -9.91 26.47 11.31
CA TYR B 197 -10.98 25.79 10.60
C TYR B 197 -11.15 24.36 11.09
N THR B 198 -12.41 23.97 11.30
CA THR B 198 -12.74 22.68 11.87
C THR B 198 -13.46 21.87 10.79
N PRO B 199 -13.44 20.54 10.90
CA PRO B 199 -14.01 19.62 9.89
C PRO B 199 -15.44 19.95 9.43
N ASP B 200 -16.27 20.49 10.33
CA ASP B 200 -17.57 21.03 9.94
C ASP B 200 -17.43 22.01 8.78
N VAL B 201 -16.77 23.14 9.08
CA VAL B 201 -16.55 24.23 8.13
C VAL B 201 -15.85 23.80 6.84
N LEU B 202 -14.88 22.90 6.93
CA LEU B 202 -14.09 22.54 5.76
C LEU B 202 -14.89 21.68 4.79
N LYS B 203 -16.00 21.14 5.29
CA LYS B 203 -16.85 20.24 4.51
C LYS B 203 -17.75 20.93 3.47
N VAL B 204 -18.22 22.13 3.80
CA VAL B 204 -19.30 22.79 3.05
C VAL B 204 -19.08 22.85 1.53
N ASP B 205 -20.17 22.58 0.82
CA ASP B 205 -20.21 22.48 -0.64
C ASP B 205 -21.08 23.61 -1.26
N GLU B 206 -21.29 23.55 -2.57
CA GLU B 206 -22.11 24.55 -3.27
C GLU B 206 -23.55 24.07 -3.47
N GLU B 207 -24.52 24.85 -3.00
CA GLU B 207 -25.93 24.48 -3.09
C GLU B 207 -26.67 25.31 -4.14
N ALA C 2 -18.57 -12.77 -12.86
CA ALA C 2 -17.65 -11.93 -12.10
C ALA C 2 -16.32 -11.75 -12.83
N LYS C 3 -15.48 -10.84 -12.33
CA LYS C 3 -14.10 -10.69 -12.80
C LYS C 3 -13.13 -10.89 -11.63
N GLU C 4 -12.19 -11.81 -11.80
CA GLU C 4 -11.17 -12.06 -10.78
C GLU C 4 -9.80 -11.97 -11.42
N VAL C 5 -8.88 -11.28 -10.78
CA VAL C 5 -7.53 -11.18 -11.29
C VAL C 5 -6.60 -12.06 -10.47
N VAL C 6 -5.73 -12.80 -11.16
CA VAL C 6 -4.80 -13.71 -10.52
C VAL C 6 -3.37 -13.51 -10.99
N GLU C 7 -2.47 -13.29 -10.04
CA GLU C 7 -1.05 -13.13 -10.36
C GLU C 7 -0.27 -14.31 -9.82
N VAL C 8 0.61 -14.87 -10.64
CA VAL C 8 1.59 -15.84 -10.19
C VAL C 8 2.90 -15.56 -10.89
N LEU C 9 4.02 -15.96 -10.30
CA LEU C 9 5.26 -15.83 -11.02
C LEU C 9 5.65 -17.17 -11.63
N VAL C 10 5.89 -17.14 -12.93
CA VAL C 10 6.14 -18.31 -13.75
C VAL C 10 7.54 -18.25 -14.30
N THR C 11 8.12 -19.39 -14.65
CA THR C 11 9.40 -19.37 -15.34
C THR C 11 9.14 -18.90 -16.75
N GLY C 12 9.81 -17.84 -17.18
CA GLY C 12 9.53 -17.24 -18.46
C GLY C 12 9.84 -18.14 -19.64
N GLY C 13 8.81 -18.43 -20.45
CA GLY C 13 8.87 -19.34 -21.59
C GLY C 13 8.55 -20.78 -21.26
N ARG C 14 8.78 -21.16 -20.01
CA ARG C 14 8.64 -22.54 -19.56
C ARG C 14 7.32 -22.86 -18.87
N ALA C 15 6.39 -21.91 -18.89
CA ALA C 15 5.10 -22.08 -18.17
C ALA C 15 4.37 -23.37 -18.50
N THR C 16 3.88 -24.04 -17.48
CA THR C 16 3.20 -25.32 -17.69
C THR C 16 1.77 -25.31 -17.17
N ALA C 17 1.13 -26.46 -17.27
CA ALA C 17 -0.26 -26.64 -16.86
C ALA C 17 -0.34 -26.98 -15.38
N GLY C 18 0.81 -26.95 -14.72
CA GLY C 18 0.85 -27.19 -13.29
C GLY C 18 2.24 -27.24 -12.64
N PRO C 19 2.27 -27.05 -11.30
CA PRO C 19 1.10 -26.40 -10.74
C PRO C 19 1.08 -24.90 -11.00
N PRO C 20 2.16 -24.13 -10.68
CA PRO C 20 1.84 -22.86 -9.99
C PRO C 20 0.69 -22.10 -10.64
N LEU C 21 0.74 -21.99 -11.95
CA LEU C 21 -0.35 -21.41 -12.70
C LEU C 21 -1.67 -22.19 -12.52
N GLY C 22 -1.58 -23.52 -12.46
CA GLY C 22 -2.74 -24.37 -12.38
C GLY C 22 -3.70 -24.17 -11.23
N PRO C 23 -3.23 -24.31 -9.97
CA PRO C 23 -4.18 -24.13 -8.86
C PRO C 23 -4.73 -22.71 -8.79
N ALA C 24 -4.05 -21.82 -9.49
CA ALA C 24 -4.38 -20.40 -9.50
C ALA C 24 -5.47 -19.99 -10.50
N ILE C 25 -5.76 -20.83 -11.50
CA ILE C 25 -6.78 -20.44 -12.48
C ILE C 25 -7.96 -21.42 -12.59
N GLY C 26 -7.69 -22.72 -12.74
CA GLY C 26 -8.76 -23.68 -12.98
C GLY C 26 -10.07 -23.51 -12.22
N PRO C 27 -10.02 -23.00 -10.97
CA PRO C 27 -11.20 -22.43 -10.29
C PRO C 27 -11.91 -21.28 -11.03
N LEU C 28 -11.28 -20.71 -12.05
CA LEU C 28 -11.91 -19.64 -12.83
C LEU C 28 -12.69 -20.19 -14.04
N GLY C 29 -12.78 -21.51 -14.13
CA GLY C 29 -13.62 -22.17 -15.12
C GLY C 29 -13.16 -21.91 -16.54
N VAL C 30 -11.91 -21.50 -16.64
CA VAL C 30 -11.26 -21.33 -17.91
C VAL C 30 -10.41 -22.56 -18.14
N ASN C 31 -10.30 -22.88 -19.42
CA ASN C 31 -9.48 -23.91 -20.00
C ASN C 31 -8.00 -23.57 -19.51
N VAL C 32 -7.16 -24.59 -19.25
CA VAL C 32 -5.80 -24.40 -18.68
C VAL C 32 -4.59 -23.97 -19.62
N GLN C 34 -4.88 -22.57 -22.58
CA GLN C 34 -5.24 -21.31 -23.19
C GLN C 34 -4.43 -20.15 -22.60
N VAL C 35 -4.41 -20.09 -21.26
CA VAL C 35 -3.69 -19.03 -20.56
C VAL C 35 -2.23 -19.43 -20.34
N VAL C 36 -1.76 -20.40 -21.12
CA VAL C 36 -0.39 -20.88 -21.02
C VAL C 36 0.40 -20.61 -22.29
N LYS C 37 -0.24 -20.83 -23.44
CA LYS C 37 0.40 -20.61 -24.74
C LYS C 37 0.97 -19.22 -24.78
N GLU C 38 0.07 -18.30 -24.44
CA GLU C 38 0.17 -16.91 -24.77
C GLU C 38 1.03 -16.26 -23.69
N ILE C 39 1.21 -16.96 -22.58
CA ILE C 39 2.18 -16.53 -21.57
C ILE C 39 3.57 -16.80 -22.13
N ASN C 40 3.81 -18.03 -22.57
CA ASN C 40 5.10 -18.37 -23.16
C ASN C 40 5.34 -17.54 -24.43
N GLU C 41 4.26 -16.99 -24.97
CA GLU C 41 4.42 -15.94 -25.97
C GLU C 41 5.00 -14.63 -25.40
N LYS C 42 4.39 -14.02 -24.39
CA LYS C 42 4.85 -12.71 -23.92
C LYS C 42 6.06 -12.78 -22.98
N THR C 43 6.46 -14.22 -22.78
CA THR C 43 7.65 -14.21 -21.95
C THR C 43 8.84 -14.88 -22.66
N LYS C 44 8.76 -15.01 -23.97
CA LYS C 44 9.82 -15.58 -24.77
C LYS C 44 11.13 -14.93 -24.46
N ASP C 45 11.16 -13.62 -24.52
CA ASP C 45 12.39 -12.86 -24.28
C ASP C 45 12.96 -13.05 -22.87
N TYR C 46 12.55 -13.30 -22.10
CA TYR C 46 12.45 -13.53 -20.67
C TYR C 46 12.68 -15.01 -20.31
N GLU C 47 13.17 -15.78 -21.29
CA GLU C 47 13.39 -17.22 -21.14
C GLU C 47 14.18 -17.58 -19.88
N GLY C 48 13.63 -18.50 -19.09
CA GLY C 48 14.29 -19.02 -17.91
C GLY C 48 14.19 -18.23 -16.62
N GLN C 50 12.10 -15.84 -13.60
CA GLN C 50 10.82 -15.66 -12.94
C GLN C 50 10.24 -14.33 -13.37
N VAL C 51 8.97 -14.32 -13.72
CA VAL C 51 8.31 -13.06 -14.00
C VAL C 51 6.88 -13.13 -13.52
N PRO C 52 6.38 -12.00 -12.98
CA PRO C 52 4.98 -11.89 -12.57
C PRO C 52 4.07 -11.86 -13.78
N VAL C 53 2.98 -12.60 -13.71
CA VAL C 53 2.00 -12.57 -14.77
C VAL C 53 0.60 -12.47 -14.17
N LYS C 54 -0.14 -11.45 -14.60
CA LYS C 54 -1.51 -11.27 -14.12
C LYS C 54 -2.48 -11.79 -15.18
N VAL C 55 -3.44 -12.59 -14.75
CA VAL C 55 -4.42 -13.11 -15.68
C VAL C 55 -5.79 -12.55 -15.32
N ILE C 56 -6.29 -11.63 -16.13
CA ILE C 56 -7.57 -11.02 -15.80
C ILE C 56 -8.64 -11.84 -16.46
N VAL C 57 -9.37 -12.56 -15.64
CA VAL C 57 -10.36 -13.46 -16.16
C VAL C 57 -11.71 -12.93 -15.71
N ASP C 58 -12.69 -13.18 -16.57
CA ASP C 58 -14.09 -13.07 -16.27
C ASP C 58 -14.58 -14.57 -16.11
N THR C 59 -15.29 -14.95 -15.02
CA THR C 59 -15.70 -16.38 -14.80
C THR C 59 -17.06 -16.78 -15.38
N GLU C 60 -17.86 -15.74 -15.56
CA GLU C 60 -19.18 -15.61 -16.21
C GLU C 60 -19.51 -16.20 -17.66
N THR C 61 -18.93 -15.49 -18.62
CA THR C 61 -18.75 -15.49 -20.11
C THR C 61 -17.35 -15.83 -20.76
N ARG C 62 -16.46 -16.64 -20.14
CA ARG C 62 -15.30 -17.33 -20.85
C ARG C 62 -13.88 -16.72 -20.96
N LYS C 63 -13.71 -15.42 -20.82
CA LYS C 63 -12.52 -14.72 -21.39
C LYS C 63 -11.36 -14.45 -20.42
N PHE C 64 -10.13 -14.48 -20.91
CA PHE C 64 -9.04 -14.02 -20.04
C PHE C 64 -8.17 -12.99 -20.75
N GLU C 65 -7.19 -12.46 -20.05
CA GLU C 65 -6.22 -11.56 -20.64
C GLU C 65 -4.95 -11.71 -19.84
N ILE C 66 -3.83 -11.22 -20.37
CA ILE C 66 -2.55 -11.44 -19.73
C ILE C 66 -1.73 -10.16 -19.63
N GLU C 67 -1.31 -9.82 -18.42
CA GLU C 67 -0.39 -8.70 -18.23
C GLU C 67 0.96 -9.22 -17.73
N VAL C 68 1.98 -9.15 -18.58
CA VAL C 68 3.32 -9.49 -18.11
C VAL C 68 3.91 -8.35 -17.27
N GLY C 69 4.28 -8.68 -16.04
CA GLY C 69 4.83 -7.70 -15.12
C GLY C 69 6.35 -7.64 -15.17
N ILE C 70 6.95 -7.11 -14.11
CA ILE C 70 8.40 -6.92 -14.05
C ILE C 70 9.04 -7.93 -13.09
N PRO C 71 10.07 -8.64 -13.54
CA PRO C 71 10.74 -9.71 -12.78
C PRO C 71 11.24 -9.21 -11.42
N PRO C 72 11.43 -10.11 -10.44
CA PRO C 72 11.94 -9.70 -9.15
C PRO C 72 13.36 -9.19 -9.27
N THR C 73 13.94 -8.67 -8.19
CA THR C 73 15.24 -8.02 -8.32
C THR C 73 16.33 -9.07 -8.46
N THR C 74 16.21 -10.12 -7.65
CA THR C 74 17.18 -11.19 -7.69
C THR C 74 17.25 -11.75 -9.12
N ALA C 75 16.13 -11.73 -9.83
CA ALA C 75 16.12 -12.23 -11.21
C ALA C 75 16.98 -11.31 -12.09
N LEU C 76 16.60 -10.04 -12.15
CA LEU C 76 17.25 -9.07 -13.02
C LEU C 76 18.76 -9.04 -12.81
N ILE C 77 19.18 -9.40 -11.60
CA ILE C 77 20.59 -9.48 -11.26
C ILE C 77 21.31 -10.64 -11.94
N LYS C 78 20.67 -11.81 -11.95
CA LYS C 78 21.29 -12.99 -12.55
C LYS C 78 21.43 -12.93 -14.06
N LYS C 79 20.58 -12.19 -14.78
CA LYS C 79 20.83 -12.06 -16.22
C LYS C 79 21.61 -10.82 -16.65
N GLU C 80 22.07 -10.00 -15.71
CA GLU C 80 23.17 -9.09 -16.02
C GLU C 80 24.46 -9.85 -15.75
N LEU C 81 24.32 -10.92 -14.99
CA LEU C 81 25.41 -11.84 -14.74
C LEU C 81 25.35 -13.10 -15.60
N GLY C 82 24.27 -13.27 -16.36
CA GLY C 82 24.04 -14.50 -17.10
C GLY C 82 24.18 -15.78 -16.28
N ILE C 83 23.55 -15.83 -15.11
CA ILE C 83 23.59 -17.00 -14.23
C ILE C 83 22.17 -17.49 -13.96
N GLU C 84 22.05 -18.71 -13.44
CA GLU C 84 20.75 -19.30 -13.12
C GLU C 84 20.60 -19.48 -11.61
N THR C 85 21.53 -20.20 -10.97
CA THR C 85 21.52 -20.29 -9.50
C THR C 85 22.66 -19.46 -8.83
N ALA C 86 22.30 -18.63 -7.85
CA ALA C 86 23.25 -17.79 -7.11
C ALA C 86 23.92 -18.51 -5.91
N ALA C 87 24.65 -17.77 -5.07
CA ALA C 87 25.47 -18.38 -4.01
C ALA C 87 24.72 -19.26 -3.03
N HIS C 88 25.35 -20.33 -2.59
CA HIS C 88 24.77 -21.17 -1.54
C HIS C 88 25.06 -20.58 -0.18
N GLU C 89 26.24 -19.99 -0.06
CA GLU C 89 26.60 -19.30 1.19
C GLU C 89 26.98 -17.85 0.90
N PRO C 90 25.98 -16.95 0.90
CA PRO C 90 26.19 -15.51 0.68
C PRO C 90 27.25 -14.96 1.61
N ARG C 91 28.11 -14.09 1.06
CA ARG C 91 29.27 -13.49 1.76
C ARG C 91 30.39 -14.47 2.11
N HIS C 92 30.18 -15.77 1.92
CA HIS C 92 31.27 -16.73 1.98
C HIS C 92 31.78 -17.18 0.60
N GLU C 93 31.11 -16.73 -0.46
CA GLU C 93 31.57 -17.00 -1.84
C GLU C 93 31.10 -15.93 -2.83
N VAL C 94 31.94 -15.56 -3.80
CA VAL C 94 31.57 -14.66 -4.91
C VAL C 94 30.92 -15.40 -6.07
N VAL C 95 30.05 -14.76 -6.85
CA VAL C 95 29.36 -15.45 -7.96
C VAL C 95 29.34 -14.78 -9.36
N GLY C 96 28.75 -13.59 -9.53
CA GLY C 96 28.70 -12.58 -8.49
C GLY C 96 29.48 -11.28 -8.62
N ASN C 97 29.87 -10.80 -9.81
CA ASN C 97 30.27 -9.38 -9.86
C ASN C 97 29.56 -8.47 -10.88
N LEU C 98 29.20 -7.28 -10.39
CA LEU C 98 28.48 -6.25 -11.14
C LEU C 98 29.18 -4.89 -11.06
N THR C 99 29.00 -4.07 -12.09
CA THR C 99 29.64 -2.76 -12.13
C THR C 99 28.55 -1.76 -11.81
N LEU C 100 28.91 -0.63 -11.20
CA LEU C 100 27.89 0.29 -10.67
C LEU C 100 26.91 0.77 -11.74
N GLU C 101 27.38 0.95 -12.96
CA GLU C 101 26.48 1.39 -14.00
C GLU C 101 25.46 0.28 -14.22
N GLN C 102 25.89 -0.97 -14.11
CA GLN C 102 24.97 -2.11 -14.26
C GLN C 102 23.81 -2.05 -13.26
N VAL C 103 24.13 -1.91 -11.98
CA VAL C 103 23.12 -1.85 -10.93
C VAL C 103 22.14 -0.70 -11.16
N ILE C 104 22.67 0.46 -11.55
CA ILE C 104 21.85 1.60 -11.91
C ILE C 104 20.74 1.23 -12.89
N LYS C 105 21.11 0.47 -13.92
CA LYS C 105 20.18 0.16 -15.01
C LYS C 105 19.03 -0.68 -14.47
N ILE C 106 19.35 -1.51 -13.48
CA ILE C 106 18.36 -2.33 -12.81
C ILE C 106 17.47 -1.46 -11.96
N ALA C 107 18.09 -0.50 -11.28
CA ALA C 107 17.40 0.32 -10.30
C ALA C 107 16.28 1.11 -10.94
N LYS C 108 16.49 1.61 -12.16
CA LYS C 108 15.46 2.40 -12.81
C LYS C 108 14.27 1.54 -13.20
N LYS C 110 13.16 -1.12 -11.42
CA LYS C 110 12.39 -1.45 -10.23
C LYS C 110 12.03 -0.26 -9.33
N LYS C 111 12.56 0.91 -9.65
CA LYS C 111 12.38 2.08 -8.79
C LYS C 111 10.92 2.41 -8.66
N ASP C 112 10.14 2.13 -9.71
CA ASP C 112 8.76 2.60 -9.73
C ASP C 112 7.86 1.72 -8.89
N ALA C 113 8.38 0.55 -8.52
CA ALA C 113 7.67 -0.29 -7.56
C ALA C 113 8.29 -0.18 -6.16
N LEU C 115 9.99 1.91 -2.71
CA LEU C 115 9.62 3.04 -1.86
C LEU C 115 10.45 4.29 -2.16
N SER C 116 11.72 4.06 -2.50
CA SER C 116 12.68 5.12 -2.79
C SER C 116 12.22 6.09 -3.87
N TYR C 117 12.20 7.38 -3.56
CA TYR C 117 11.82 8.38 -4.56
C TYR C 117 13.01 9.01 -5.30
N THR C 118 14.23 8.65 -4.88
CA THR C 118 15.43 9.08 -5.58
C THR C 118 16.18 7.89 -6.13
N LEU C 119 16.84 8.12 -7.27
CA LEU C 119 17.70 7.13 -7.92
C LEU C 119 18.70 6.53 -6.94
N LYS C 120 19.44 7.40 -6.25
CA LYS C 120 20.47 6.96 -5.33
C LYS C 120 19.90 6.03 -4.25
N ASN C 121 18.62 6.18 -3.93
CA ASN C 121 18.02 5.31 -2.95
C ASN C 121 17.53 3.99 -3.52
N ALA C 122 16.98 4.04 -4.73
CA ALA C 122 16.68 2.82 -5.49
C ALA C 122 17.92 1.95 -5.59
N VAL C 123 19.06 2.59 -5.83
CA VAL C 123 20.29 1.86 -6.00
C VAL C 123 20.73 1.27 -4.67
N LYS C 124 20.56 2.00 -3.58
CA LYS C 124 21.01 1.46 -2.31
C LYS C 124 20.20 0.22 -1.99
N GLU C 125 18.91 0.26 -2.34
CA GLU C 125 18.04 -0.90 -2.20
C GLU C 125 18.61 -2.10 -2.93
N VAL C 126 18.86 -1.92 -4.22
CA VAL C 126 19.31 -3.03 -5.07
C VAL C 126 20.59 -3.66 -4.54
N LEU C 127 21.48 -2.79 -4.05
CA LEU C 127 22.73 -3.23 -3.46
C LEU C 127 22.50 -4.15 -2.26
N GLY C 128 21.39 -3.92 -1.57
CA GLY C 128 21.08 -4.69 -0.39
C GLY C 128 20.72 -6.11 -0.78
N THR C 129 20.02 -6.22 -1.90
CA THR C 129 19.62 -7.52 -2.39
C THR C 129 20.86 -8.33 -2.78
N CYS C 130 21.88 -7.68 -3.33
CA CYS C 130 23.11 -8.38 -3.68
C CYS C 130 23.78 -8.95 -2.43
N GLY C 131 23.64 -8.28 -1.30
CA GLY C 131 24.28 -8.73 -0.07
C GLY C 131 23.73 -10.07 0.39
N SER C 132 22.54 -10.39 -0.10
CA SER C 132 21.89 -11.65 0.18
C SER C 132 22.31 -12.78 -0.76
N GLY C 134 25.63 -13.24 -2.54
CA GLY C 134 27.02 -13.48 -2.89
C GLY C 134 27.54 -12.70 -4.11
N VAL C 135 26.80 -11.70 -4.54
CA VAL C 135 27.25 -10.82 -5.60
C VAL C 135 27.99 -9.63 -5.00
N THR C 136 29.02 -9.16 -5.71
CA THR C 136 29.74 -7.96 -5.34
C THR C 136 29.60 -6.90 -6.43
N VAL C 137 29.71 -5.64 -6.03
CA VAL C 137 29.66 -4.53 -6.99
C VAL C 137 30.93 -3.71 -6.92
N GLU C 138 31.45 -3.35 -8.10
CA GLU C 138 32.74 -2.67 -8.24
C GLU C 138 33.82 -3.42 -7.46
N GLY C 139 33.68 -4.74 -7.43
CA GLY C 139 34.68 -5.61 -6.83
C GLY C 139 34.81 -5.53 -5.32
N LYS C 140 33.76 -5.08 -4.65
CA LYS C 140 33.75 -5.03 -3.19
C LYS C 140 32.39 -5.41 -2.65
N ASP C 141 32.34 -5.71 -1.34
CA ASP C 141 31.08 -6.00 -0.65
C ASP C 141 30.15 -4.83 -0.91
N PRO C 142 28.85 -5.06 -0.92
CA PRO C 142 27.94 -4.03 -1.38
C PRO C 142 27.60 -3.14 -0.23
N LYS C 143 27.67 -3.72 0.95
CA LYS C 143 27.46 -2.95 2.14
C LYS C 143 28.41 -1.78 2.13
N GLU C 144 29.43 -1.84 1.29
CA GLU C 144 30.45 -0.81 1.27
C GLU C 144 30.14 0.21 0.23
N VAL C 145 29.67 -0.25 -0.90
CA VAL C 145 29.32 0.68 -1.96
C VAL C 145 28.22 1.54 -1.45
N GLN C 146 27.38 0.95 -0.62
CA GLN C 146 26.26 1.67 -0.06
C GLN C 146 26.75 2.85 0.77
N LYS C 147 27.64 2.57 1.72
CA LYS C 147 28.34 3.58 2.50
C LYS C 147 28.91 4.71 1.61
N GLU C 148 29.56 4.31 0.53
CA GLU C 148 30.22 5.24 -0.38
C GLU C 148 29.27 6.16 -1.11
N ILE C 149 28.10 5.67 -1.49
CA ILE C 149 27.17 6.52 -2.23
C ILE C 149 26.73 7.64 -1.31
N ASP C 150 26.69 7.32 -0.03
CA ASP C 150 26.27 8.25 1.01
C ASP C 150 27.39 9.21 1.33
N ALA C 151 28.58 8.63 1.44
CA ALA C 151 29.81 9.37 1.69
C ALA C 151 30.14 10.29 0.52
N GLY C 152 29.37 10.17 -0.55
CA GLY C 152 29.52 11.02 -1.70
C GLY C 152 30.73 10.63 -2.52
N VAL C 153 30.99 9.33 -2.66
CA VAL C 153 32.08 8.87 -3.51
C VAL C 153 31.72 8.81 -5.00
N TYR C 154 30.59 8.24 -5.36
CA TYR C 154 30.35 8.03 -6.77
C TYR C 154 29.80 9.29 -7.45
N ASP C 155 28.54 9.64 -7.21
CA ASP C 155 28.00 11.01 -7.38
C ASP C 155 28.04 11.57 -8.79
N GLU C 156 28.97 11.07 -9.60
CA GLU C 156 29.11 11.50 -10.97
C GLU C 156 28.19 10.65 -11.82
N TYR C 157 27.98 9.42 -11.36
CA TYR C 157 27.08 8.50 -12.03
C TYR C 157 25.64 8.98 -11.91
N PHE C 158 25.43 10.07 -11.16
CA PHE C 158 24.07 10.57 -11.00
C PHE C 158 23.76 11.96 -11.53
N LYS C 159 22.57 12.43 -11.21
CA LYS C 159 22.04 13.68 -11.74
C LYS C 159 22.41 13.84 -13.20
N ILE D 2 4.67 -36.93 -4.20
CA ILE D 2 4.39 -37.57 -5.49
C ILE D 2 2.88 -37.66 -5.70
N ALA D 3 2.14 -37.52 -4.59
CA ALA D 3 0.69 -37.49 -4.72
C ALA D 3 0.02 -36.90 -3.50
N ALA D 5 -4.16 -34.50 -2.87
CA ALA D 5 -4.91 -33.36 -3.38
C ALA D 5 -4.72 -32.16 -2.45
N SER D 6 -4.30 -31.03 -3.04
CA SER D 6 -3.99 -29.79 -2.31
C SER D 6 -2.80 -29.92 -1.39
N THR D 8 1.17 -29.33 -2.81
CA THR D 8 2.55 -29.09 -3.23
C THR D 8 2.65 -27.90 -4.17
N THR D 13 0.02 -31.60 -7.80
CA THR D 13 -1.12 -31.79 -6.92
C THR D 13 -1.32 -30.61 -6.01
#